data_7EEE
#
_entry.id   7EEE
#
_cell.length_a   63.354
_cell.length_b   63.354
_cell.length_c   137.962
_cell.angle_alpha   90.000
_cell.angle_beta   90.000
_cell.angle_gamma   90.000
#
_symmetry.space_group_name_H-M   'P 41 21 2'
#
loop_
_entity.id
_entity.type
_entity.pdbx_description
1 polymer 'glycoside hydrolase family 12 beta-1,3-1,4-glucanase'
2 branched beta-D-mannopyranose-(1-6)-beta-D-mannopyranose
3 non-polymer GLYCEROL
4 water water
#
_entity_poly.entity_id   1
_entity_poly.type   'polypeptide(L)'
_entity_poly.pdbx_seq_one_letter_code
;LDKRQQVTLCEQYGYWSGNGYEINNNLWGRDSATSGWQCSYLDGSSDSGIQWHTTWEWQGGQHDVKSYVYSGKQFPRGQR
ITSINSMQTSVSWYYDTTNVRANVAYDIFTAADPNHVNSSGDYELMIWLAKYGDVQPIGSPVGTVHVNGRNWELWIGMNG
NMKVFSFIAPSPLNSWSGEVKEFFNYLQYNQGYPAGDQHLIVFQMGTEAFTGGPATMTVSHFSANIY
;
_entity_poly.pdbx_strand_id   A
#
# COMPACT_ATOMS: atom_id res chain seq x y z
N GLN A 5 7.88 1.67 21.50
CA GLN A 5 7.23 2.74 20.75
C GLN A 5 6.05 3.36 21.51
N GLN A 6 5.57 4.50 21.01
CA GLN A 6 4.48 5.19 21.70
C GLN A 6 3.21 4.34 21.75
N VAL A 7 2.98 3.48 20.76
CA VAL A 7 1.93 2.46 20.86
C VAL A 7 2.39 1.21 20.10
N THR A 8 2.00 0.05 20.61
CA THR A 8 2.35 -1.26 20.06
C THR A 8 1.09 -2.04 19.68
N LEU A 9 1.04 -2.52 18.45
CA LEU A 9 -0.11 -3.26 17.92
C LEU A 9 0.36 -4.63 17.45
N CYS A 10 0.09 -5.67 18.25
CA CYS A 10 0.48 -7.01 17.87
C CYS A 10 -0.67 -7.92 17.43
N GLU A 11 -1.90 -7.65 17.86
CA GLU A 11 -2.98 -8.55 17.49
C GLU A 11 -3.44 -8.27 16.06
N GLN A 12 -4.04 -9.28 15.45
CA GLN A 12 -4.55 -9.16 14.09
C GLN A 12 -5.57 -8.04 14.03
N TYR A 13 -5.40 -7.15 13.06
CA TYR A 13 -6.24 -5.97 12.90
C TYR A 13 -6.13 -5.01 14.08
N GLY A 14 -5.04 -5.06 14.85
CA GLY A 14 -4.80 -4.01 15.82
C GLY A 14 -4.78 -2.65 15.14
N TYR A 15 -5.26 -1.64 15.85
CA TYR A 15 -5.62 -0.37 15.21
C TYR A 15 -5.20 0.82 16.07
N TRP A 16 -4.65 1.84 15.40
CA TRP A 16 -4.40 3.14 16.00
C TRP A 16 -4.90 4.23 15.05
N SER A 17 -5.34 5.33 15.62
CA SER A 17 -5.87 6.45 14.85
C SER A 17 -5.42 7.74 15.51
N GLY A 18 -4.99 8.69 14.69
CA GLY A 18 -4.54 9.97 15.19
C GLY A 18 -4.13 10.93 14.09
N ASN A 19 -4.48 12.21 14.26
CA ASN A 19 -4.04 13.29 13.39
C ASN A 19 -4.47 13.09 11.93
N GLY A 20 -5.56 12.36 11.70
CA GLY A 20 -6.01 12.09 10.34
C GLY A 20 -5.23 11.00 9.65
N TYR A 21 -4.51 10.19 10.42
CA TYR A 21 -3.79 9.01 9.96
C TYR A 21 -4.26 7.82 10.79
N GLU A 22 -3.92 6.63 10.32
CA GLU A 22 -4.23 5.42 11.08
C GLU A 22 -3.20 4.35 10.74
N ILE A 23 -3.01 3.41 11.65
CA ILE A 23 -2.19 2.24 11.42
C ILE A 23 -3.02 1.00 11.74
N ASN A 24 -2.93 -0.01 10.90
CA ASN A 24 -3.61 -1.27 11.11
C ASN A 24 -2.59 -2.40 11.02
N ASN A 25 -2.46 -3.18 12.09
CA ASN A 25 -1.64 -4.40 12.09
C ASN A 25 -2.40 -5.48 11.34
N ASN A 26 -2.41 -5.34 10.03
CA ASN A 26 -3.39 -5.98 9.15
C ASN A 26 -2.87 -7.34 8.71
N LEU A 27 -2.93 -8.29 9.64
CA LEU A 27 -2.42 -9.65 9.41
C LEU A 27 -3.49 -10.54 8.78
N TRP A 28 -4.02 -10.08 7.64
CA TRP A 28 -5.21 -10.71 7.06
C TRP A 28 -4.93 -12.12 6.55
N GLY A 29 -3.70 -12.41 6.12
CA GLY A 29 -3.43 -13.70 5.53
C GLY A 29 -2.65 -14.62 6.44
N ARG A 30 -2.71 -14.37 7.74
CA ARG A 30 -1.83 -15.08 8.68
C ARG A 30 -2.17 -16.55 8.76
N ASP A 31 -3.41 -16.93 8.48
CA ASP A 31 -3.74 -18.35 8.48
C ASP A 31 -3.00 -19.12 7.40
N SER A 32 -2.42 -18.45 6.41
CA SER A 32 -1.65 -19.11 5.36
C SER A 32 -0.24 -19.49 5.82
N ALA A 33 0.18 -19.08 7.00
CA ALA A 33 1.52 -19.29 7.50
C ALA A 33 1.58 -20.52 8.38
N THR A 34 2.69 -21.25 8.30
CA THR A 34 2.94 -22.35 9.23
C THR A 34 3.43 -21.85 10.58
N SER A 35 4.04 -20.66 10.63
CA SER A 35 4.49 -20.06 11.86
C SER A 35 4.73 -18.58 11.62
N GLY A 36 4.69 -17.80 12.69
CA GLY A 36 5.16 -16.44 12.61
C GLY A 36 4.36 -15.49 13.47
N TRP A 37 4.65 -14.21 13.29
CA TRP A 37 4.13 -13.15 14.14
C TRP A 37 4.46 -11.83 13.48
N GLN A 38 3.79 -10.77 13.94
CA GLN A 38 4.04 -9.42 13.44
C GLN A 38 3.34 -8.38 14.32
N CYS A 39 4.07 -7.32 14.67
CA CYS A 39 3.53 -6.17 15.35
C CYS A 39 3.81 -4.91 14.53
N SER A 40 3.06 -3.87 14.81
CA SER A 40 3.28 -2.55 14.24
C SER A 40 3.42 -1.55 15.37
N TYR A 41 4.33 -0.60 15.20
CA TYR A 41 4.73 0.28 16.29
C TYR A 41 4.59 1.71 15.82
N LEU A 42 3.87 2.53 16.58
CA LEU A 42 3.79 3.95 16.28
C LEU A 42 4.95 4.66 16.98
N ASP A 43 5.81 5.30 16.18
CA ASP A 43 6.91 6.04 16.75
C ASP A 43 6.57 7.49 17.03
N GLY A 44 5.69 8.08 16.23
CA GLY A 44 5.29 9.45 16.44
C GLY A 44 4.24 9.82 15.43
N SER A 45 3.49 10.87 15.77
CA SER A 45 2.45 11.35 14.86
C SER A 45 2.21 12.83 15.08
N SER A 46 1.85 13.50 14.01
CA SER A 46 1.39 14.88 14.06
C SER A 46 0.53 15.10 12.83
N ASP A 47 0.02 16.33 12.70
CA ASP A 47 -0.81 16.65 11.55
C ASP A 47 -0.06 16.51 10.24
N SER A 48 1.26 16.71 10.28
CA SER A 48 2.09 16.73 9.09
C SER A 48 2.61 15.34 8.69
N GLY A 49 2.19 14.29 9.39
CA GLY A 49 2.60 12.94 9.04
C GLY A 49 2.98 12.14 10.27
N ILE A 50 3.32 10.89 10.03
CA ILE A 50 3.59 9.96 11.12
C ILE A 50 4.89 9.20 10.86
N GLN A 51 5.36 8.54 11.90
CA GLN A 51 6.55 7.71 11.87
C GLN A 51 6.18 6.41 12.55
N TRP A 52 6.53 5.30 11.93
CA TRP A 52 6.15 3.99 12.47
C TRP A 52 7.10 2.92 11.96
N HIS A 53 7.02 1.74 12.55
CA HIS A 53 7.75 0.60 12.01
C HIS A 53 6.98 -0.67 12.34
N THR A 54 7.38 -1.74 11.67
CA THR A 54 6.77 -3.04 11.86
C THR A 54 7.88 -4.09 11.83
N THR A 55 7.73 -5.11 12.68
CA THR A 55 8.67 -6.22 12.71
C THR A 55 7.88 -7.50 12.57
N TRP A 56 8.41 -8.44 11.78
CA TRP A 56 7.65 -9.65 11.48
C TRP A 56 8.57 -10.79 11.13
N GLU A 57 8.11 -12.00 11.41
CA GLU A 57 8.66 -13.21 10.83
C GLU A 57 7.49 -14.05 10.36
N TRP A 58 7.53 -14.53 9.11
CA TRP A 58 6.52 -15.42 8.58
C TRP A 58 7.20 -16.56 7.83
N GLN A 59 6.71 -17.77 8.05
CA GLN A 59 7.22 -18.96 7.38
C GLN A 59 6.06 -19.78 6.85
N GLY A 60 6.31 -20.49 5.76
CA GLY A 60 5.29 -21.31 5.13
C GLY A 60 4.40 -20.49 4.22
N GLY A 61 3.64 -21.20 3.38
CA GLY A 61 2.75 -20.57 2.42
C GLY A 61 3.49 -19.61 1.50
N GLN A 62 4.38 -20.16 0.67
CA GLN A 62 5.39 -19.35 0.00
C GLN A 62 4.78 -18.26 -0.88
N HIS A 63 3.66 -18.55 -1.53
CA HIS A 63 3.09 -17.64 -2.52
C HIS A 63 1.93 -16.81 -1.96
N ASP A 64 1.66 -16.91 -0.67
CA ASP A 64 0.53 -16.20 -0.05
C ASP A 64 1.04 -15.05 0.82
N VAL A 65 0.48 -13.86 0.59
CA VAL A 65 0.71 -12.75 1.49
C VAL A 65 0.14 -13.08 2.87
N LYS A 66 0.98 -12.92 3.89
CA LYS A 66 0.48 -13.06 5.25
C LYS A 66 -0.13 -11.77 5.78
N SER A 67 0.35 -10.61 5.35
CA SER A 67 -0.08 -9.37 5.96
C SER A 67 0.17 -8.21 5.01
N TYR A 68 -0.55 -7.13 5.25
CA TYR A 68 -0.25 -5.84 4.65
C TYR A 68 -0.48 -4.81 5.76
N VAL A 69 0.42 -4.79 6.75
CA VAL A 69 0.36 -3.74 7.75
C VAL A 69 0.62 -2.40 7.06
N TYR A 70 -0.13 -1.38 7.44
CA TYR A 70 -0.10 -0.13 6.69
C TYR A 70 -0.34 1.04 7.61
N SER A 71 0.13 2.20 7.15
CA SER A 71 -0.35 3.49 7.62
C SER A 71 -1.26 4.05 6.55
N GLY A 72 -2.49 4.41 6.94
CA GLY A 72 -3.48 4.93 6.02
C GLY A 72 -3.75 6.40 6.27
N LYS A 73 -4.06 7.13 5.20
CA LYS A 73 -4.52 8.52 5.32
C LYS A 73 -6.03 8.52 5.42
N GLN A 74 -6.56 9.27 6.37
CA GLN A 74 -8.00 9.36 6.56
C GLN A 74 -8.56 10.49 5.70
N PHE A 75 -9.80 10.32 5.27
CA PHE A 75 -10.47 11.30 4.41
C PHE A 75 -11.96 10.95 4.39
N PRO A 76 -12.81 11.91 4.01
CA PRO A 76 -14.25 11.61 3.94
C PRO A 76 -14.56 10.68 2.78
N ARG A 77 -15.49 9.76 3.01
CA ARG A 77 -16.05 8.97 1.93
C ARG A 77 -16.79 9.87 0.96
N GLY A 78 -16.92 9.41 -0.28
CA GLY A 78 -17.69 10.13 -1.27
C GLY A 78 -16.90 11.02 -2.18
N GLN A 79 -15.58 10.95 -2.17
CA GLN A 79 -14.75 11.75 -3.06
C GLN A 79 -14.58 11.00 -4.38
N ARG A 80 -15.15 11.55 -5.44
CA ARG A 80 -14.95 11.02 -6.79
C ARG A 80 -13.51 11.26 -7.24
N ILE A 81 -12.91 10.26 -7.90
CA ILE A 81 -11.51 10.40 -8.30
C ILE A 81 -11.29 11.65 -9.15
N THR A 82 -12.23 11.93 -10.05
CA THR A 82 -12.13 13.11 -10.91
C THR A 82 -12.37 14.42 -10.17
N SER A 83 -12.96 14.38 -8.97
CA SER A 83 -13.10 15.58 -8.17
C SER A 83 -11.84 15.90 -7.36
N ILE A 84 -10.91 14.96 -7.27
CA ILE A 84 -9.74 15.16 -6.43
C ILE A 84 -8.69 15.93 -7.22
N ASN A 85 -8.27 17.08 -6.68
CA ASN A 85 -7.25 17.91 -7.31
C ASN A 85 -5.86 17.36 -7.12
N SER A 86 -5.60 16.76 -5.96
CA SER A 86 -4.25 16.33 -5.64
C SER A 86 -4.32 15.19 -4.64
N MET A 87 -3.49 14.18 -4.85
CA MET A 87 -3.30 13.10 -3.88
C MET A 87 -1.80 12.98 -3.65
N GLN A 88 -1.22 14.01 -3.06
CA GLN A 88 0.22 14.04 -2.86
C GLN A 88 0.60 13.17 -1.67
N THR A 89 1.75 12.53 -1.75
CA THR A 89 2.20 11.69 -0.66
C THR A 89 3.72 11.72 -0.62
N SER A 90 4.24 11.61 0.60
CA SER A 90 5.68 11.50 0.83
C SER A 90 5.93 10.33 1.76
N VAL A 91 6.97 9.57 1.48
CA VAL A 91 7.33 8.48 2.36
C VAL A 91 8.84 8.32 2.32
N SER A 92 9.43 8.02 3.48
CA SER A 92 10.80 7.57 3.58
C SER A 92 10.79 6.29 4.42
N TRP A 93 11.40 5.23 3.91
CA TRP A 93 11.29 3.93 4.56
C TRP A 93 12.57 3.15 4.32
N TYR A 94 12.80 2.14 5.15
CA TYR A 94 13.90 1.22 4.90
C TYR A 94 13.67 -0.08 5.65
N TYR A 95 14.10 -1.17 5.04
CA TYR A 95 14.11 -2.48 5.66
C TYR A 95 15.47 -2.74 6.30
N ASP A 96 15.49 -3.44 7.43
CA ASP A 96 16.75 -3.74 8.10
C ASP A 96 17.45 -4.98 7.54
N THR A 97 16.96 -5.54 6.45
CA THR A 97 17.54 -6.74 5.84
C THR A 97 17.02 -6.85 4.42
N THR A 98 17.84 -7.47 3.58
CA THR A 98 17.56 -7.67 2.16
C THR A 98 16.76 -8.93 1.90
N ASN A 99 16.90 -9.90 2.79
CA ASN A 99 16.50 -11.27 2.53
C ASN A 99 15.18 -11.51 3.23
N VAL A 100 14.15 -10.99 2.60
CA VAL A 100 12.76 -11.28 2.91
C VAL A 100 12.10 -11.48 1.57
N ARG A 101 10.92 -12.05 1.58
CA ARG A 101 10.07 -12.07 0.41
C ARG A 101 8.88 -11.21 0.75
N ALA A 102 8.82 -10.04 0.13
CA ALA A 102 7.95 -8.96 0.58
C ALA A 102 8.08 -7.81 -0.41
N ASN A 103 7.14 -6.87 -0.34
CA ASN A 103 7.27 -5.64 -1.10
C ASN A 103 7.03 -4.44 -0.18
N VAL A 104 7.22 -3.26 -0.73
CA VAL A 104 6.83 -2.01 -0.08
C VAL A 104 5.96 -1.30 -1.10
N ALA A 105 4.74 -0.97 -0.70
CA ALA A 105 3.73 -0.62 -1.69
C ALA A 105 2.67 0.28 -1.07
N TYR A 106 2.23 1.26 -1.87
CA TYR A 106 0.96 1.93 -1.65
C TYR A 106 -0.17 1.05 -2.15
N ASP A 107 -1.26 1.04 -1.40
CA ASP A 107 -2.46 0.30 -1.77
C ASP A 107 -3.62 1.27 -1.75
N ILE A 108 -4.31 1.39 -2.88
CA ILE A 108 -5.45 2.30 -3.00
C ILE A 108 -6.61 1.51 -3.59
N PHE A 109 -7.77 1.57 -2.93
CA PHE A 109 -9.00 1.00 -3.47
C PHE A 109 -9.94 2.11 -3.90
N THR A 110 -10.66 1.88 -5.00
CA THR A 110 -11.75 2.76 -5.39
C THR A 110 -12.96 1.90 -5.68
N ALA A 111 -14.14 2.50 -5.56
CA ALA A 111 -15.37 1.77 -5.87
C ALA A 111 -16.44 2.76 -6.30
N ALA A 112 -17.35 2.30 -7.17
CA ALA A 112 -18.49 3.11 -7.54
C ALA A 112 -19.38 3.38 -6.33
N ASP A 113 -19.45 2.42 -5.40
CA ASP A 113 -20.18 2.58 -4.14
C ASP A 113 -19.29 3.32 -3.16
N PRO A 114 -19.60 4.59 -2.85
CA PRO A 114 -18.75 5.35 -1.94
C PRO A 114 -18.62 4.73 -0.55
N ASN A 115 -19.57 3.86 -0.16
CA ASN A 115 -19.54 3.18 1.12
C ASN A 115 -19.00 1.76 1.03
N HIS A 116 -18.27 1.45 -0.04
CA HIS A 116 -17.66 0.13 -0.19
C HIS A 116 -16.81 -0.20 1.03
N VAL A 117 -16.83 -1.48 1.43
CA VAL A 117 -15.97 -1.92 2.52
C VAL A 117 -14.50 -1.61 2.18
N ASN A 118 -13.73 -1.29 3.21
CA ASN A 118 -12.35 -0.81 3.04
C ASN A 118 -11.36 -1.94 2.74
N SER A 119 -11.81 -3.18 2.66
CA SER A 119 -10.92 -4.31 2.45
C SER A 119 -10.71 -4.63 0.97
N SER A 120 -11.45 -3.98 0.07
CA SER A 120 -11.29 -4.18 -1.38
C SER A 120 -12.02 -3.04 -2.08
N GLY A 121 -12.14 -3.13 -3.40
CA GLY A 121 -12.88 -2.14 -4.15
C GLY A 121 -13.23 -2.70 -5.52
N ASP A 122 -13.83 -1.84 -6.36
CA ASP A 122 -13.94 -2.16 -7.78
C ASP A 122 -12.57 -2.33 -8.40
N TYR A 123 -11.63 -1.49 -7.98
CA TYR A 123 -10.30 -1.39 -8.56
C TYR A 123 -9.29 -1.24 -7.44
N GLU A 124 -8.08 -1.67 -7.73
CA GLU A 124 -6.96 -1.53 -6.81
C GLU A 124 -5.81 -0.92 -7.58
N LEU A 125 -5.19 0.10 -6.99
CA LEU A 125 -4.03 0.74 -7.56
C LEU A 125 -2.89 0.55 -6.56
N MET A 126 -1.85 -0.16 -6.98
CA MET A 126 -0.67 -0.39 -6.15
C MET A 126 0.52 0.31 -6.77
N ILE A 127 1.37 0.89 -5.93
CA ILE A 127 2.63 1.46 -6.37
C ILE A 127 3.70 0.77 -5.53
N TRP A 128 4.48 -0.10 -6.17
CA TRP A 128 5.48 -0.90 -5.47
C TRP A 128 6.79 -0.12 -5.47
N LEU A 129 7.13 0.45 -4.32
CA LEU A 129 8.41 1.13 -4.20
C LEU A 129 9.58 0.15 -4.13
N ALA A 130 9.33 -1.10 -3.74
CA ALA A 130 10.39 -2.08 -3.70
C ALA A 130 9.79 -3.48 -3.72
N LYS A 131 10.63 -4.44 -4.09
CA LYS A 131 10.25 -5.82 -4.32
C LYS A 131 11.42 -6.68 -3.87
N TYR A 132 11.24 -7.50 -2.83
CA TYR A 132 12.30 -8.33 -2.29
C TYR A 132 12.01 -9.80 -2.56
N GLY A 133 13.05 -10.56 -2.88
CA GLY A 133 12.81 -11.94 -3.23
C GLY A 133 12.13 -12.03 -4.58
N ASP A 134 11.49 -13.17 -4.82
CA ASP A 134 10.86 -13.44 -6.12
C ASP A 134 9.38 -13.03 -6.17
N VAL A 135 8.91 -12.18 -5.24
CA VAL A 135 7.48 -11.89 -5.18
C VAL A 135 7.04 -11.14 -6.43
N GLN A 136 5.83 -11.42 -6.89
CA GLN A 136 5.28 -10.92 -8.15
C GLN A 136 3.94 -10.24 -7.91
N PRO A 137 3.61 -9.20 -8.68
CA PRO A 137 2.29 -8.58 -8.56
C PRO A 137 1.20 -9.44 -9.17
N ILE A 138 -0.04 -8.97 -8.97
CA ILE A 138 -1.21 -9.57 -9.62
C ILE A 138 -1.11 -9.45 -11.13
N GLY A 139 -1.50 -10.52 -11.83
CA GLY A 139 -1.67 -10.45 -13.25
C GLY A 139 -0.38 -10.64 -14.04
N SER A 140 -0.21 -9.85 -15.10
CA SER A 140 0.93 -9.97 -15.97
C SER A 140 1.42 -8.58 -16.36
N PRO A 141 2.72 -8.42 -16.59
CA PRO A 141 3.23 -7.11 -16.98
C PRO A 141 2.77 -6.74 -18.37
N VAL A 142 2.48 -5.46 -18.57
CA VAL A 142 2.04 -4.99 -19.88
C VAL A 142 3.02 -4.00 -20.49
N GLY A 143 4.12 -3.68 -19.80
CA GLY A 143 5.15 -2.81 -20.34
C GLY A 143 5.54 -1.74 -19.34
N THR A 144 6.47 -0.91 -19.77
CA THR A 144 7.01 0.16 -18.94
C THR A 144 6.28 1.44 -19.27
N VAL A 145 5.81 2.14 -18.23
CA VAL A 145 5.04 3.36 -18.41
C VAL A 145 5.72 4.49 -17.66
N HIS A 146 5.56 5.70 -18.19
CA HIS A 146 6.15 6.90 -17.62
C HIS A 146 5.06 7.64 -16.86
N VAL A 147 5.16 7.68 -15.53
CA VAL A 147 4.13 8.29 -14.69
C VAL A 147 4.84 9.09 -13.60
N ASN A 148 4.42 10.34 -13.40
CA ASN A 148 4.91 11.15 -12.28
C ASN A 148 6.43 11.27 -12.33
N GLY A 149 6.96 11.48 -13.53
CA GLY A 149 8.37 11.69 -13.72
C GLY A 149 9.26 10.46 -13.58
N ARG A 150 8.68 9.27 -13.46
CA ARG A 150 9.46 8.04 -13.28
C ARG A 150 8.92 6.96 -14.20
N ASN A 151 9.74 5.93 -14.41
CA ASN A 151 9.32 4.77 -15.17
C ASN A 151 8.87 3.66 -14.23
N TRP A 152 7.85 2.92 -14.65
CA TRP A 152 7.25 1.86 -13.85
C TRP A 152 6.91 0.70 -14.78
N GLU A 153 7.12 -0.52 -14.31
CA GLU A 153 6.52 -1.67 -14.98
C GLU A 153 5.07 -1.78 -14.53
N LEU A 154 4.13 -1.68 -15.46
CA LEU A 154 2.71 -1.79 -15.14
C LEU A 154 2.26 -3.24 -15.25
N TRP A 155 1.74 -3.80 -14.15
CA TRP A 155 1.09 -5.10 -14.16
C TRP A 155 -0.42 -4.90 -14.06
N ILE A 156 -1.17 -5.77 -14.74
CA ILE A 156 -2.62 -5.71 -14.70
C ILE A 156 -3.16 -7.13 -14.52
N GLY A 157 -4.14 -7.27 -13.64
CA GLY A 157 -4.76 -8.55 -13.43
C GLY A 157 -6.02 -8.40 -12.62
N MET A 158 -6.64 -9.55 -12.35
CA MET A 158 -7.87 -9.61 -11.58
C MET A 158 -7.62 -10.35 -10.29
N ASN A 159 -8.08 -9.78 -9.19
CA ASN A 159 -8.17 -10.45 -7.90
C ASN A 159 -9.66 -10.61 -7.66
N GLY A 160 -10.18 -11.81 -7.94
CA GLY A 160 -11.62 -11.97 -7.94
C GLY A 160 -12.25 -11.07 -8.99
N ASN A 161 -13.24 -10.30 -8.59
CA ASN A 161 -13.86 -9.33 -9.50
C ASN A 161 -13.24 -7.94 -9.42
N MET A 162 -12.16 -7.77 -8.66
CA MET A 162 -11.46 -6.49 -8.56
C MET A 162 -10.30 -6.45 -9.54
N LYS A 163 -10.25 -5.40 -10.37
CA LYS A 163 -9.16 -5.20 -11.31
C LYS A 163 -8.02 -4.47 -10.62
N VAL A 164 -6.79 -4.98 -10.79
CA VAL A 164 -5.63 -4.53 -10.02
C VAL A 164 -4.56 -4.02 -10.97
N PHE A 165 -4.18 -2.75 -10.82
CA PHE A 165 -3.07 -2.17 -11.55
C PHE A 165 -1.93 -1.97 -10.56
N SER A 166 -0.77 -2.55 -10.85
CA SER A 166 0.41 -2.41 -10.01
C SER A 166 1.54 -1.76 -10.80
N PHE A 167 2.01 -0.61 -10.32
CA PHE A 167 3.14 0.10 -10.92
C PHE A 167 4.41 -0.25 -10.12
N ILE A 168 5.37 -0.89 -10.77
CA ILE A 168 6.55 -1.44 -10.09
C ILE A 168 7.75 -0.55 -10.39
N ALA A 169 8.37 -0.01 -9.34
CA ALA A 169 9.60 0.76 -9.52
C ALA A 169 10.72 -0.16 -10.00
N PRO A 170 11.61 0.33 -10.88
CA PRO A 170 12.68 -0.54 -11.42
C PRO A 170 13.78 -0.85 -10.42
N SER A 171 13.97 -0.01 -9.42
CA SER A 171 14.86 -0.24 -8.29
C SER A 171 14.16 0.29 -7.06
N PRO A 172 14.58 -0.13 -5.87
CA PRO A 172 13.91 0.34 -4.64
C PRO A 172 13.92 1.86 -4.53
N LEU A 173 12.75 2.43 -4.24
CA LEU A 173 12.60 3.86 -3.99
C LEU A 173 12.40 4.03 -2.48
N ASN A 174 13.49 4.21 -1.74
CA ASN A 174 13.39 4.34 -0.30
C ASN A 174 12.80 5.68 0.13
N SER A 175 12.89 6.70 -0.72
CA SER A 175 12.24 7.97 -0.44
C SER A 175 11.55 8.45 -1.70
N TRP A 176 10.31 8.87 -1.55
CA TRP A 176 9.47 9.19 -2.71
C TRP A 176 8.46 10.26 -2.32
N SER A 177 8.36 11.30 -3.14
CA SER A 177 7.28 12.28 -3.04
C SER A 177 6.52 12.21 -4.35
N GLY A 178 5.30 11.67 -4.30
CA GLY A 178 4.55 11.41 -5.50
C GLY A 178 3.23 12.16 -5.51
N GLU A 179 2.65 12.22 -6.70
CA GLU A 179 1.31 12.77 -6.95
C GLU A 179 0.49 11.58 -7.46
N VAL A 180 -0.32 10.99 -6.59
CA VAL A 180 -1.02 9.78 -7.01
C VAL A 180 -2.08 10.08 -8.06
N LYS A 181 -2.52 11.34 -8.21
CA LYS A 181 -3.43 11.64 -9.31
C LYS A 181 -2.81 11.28 -10.65
N GLU A 182 -1.48 11.38 -10.78
CA GLU A 182 -0.79 11.02 -12.02
C GLU A 182 -1.07 9.58 -12.42
N PHE A 183 -1.12 8.68 -11.44
CA PHE A 183 -1.36 7.28 -11.74
C PHE A 183 -2.81 7.06 -12.13
N PHE A 184 -3.74 7.71 -11.43
CA PHE A 184 -5.14 7.62 -11.84
C PHE A 184 -5.36 8.24 -13.21
N ASN A 185 -4.73 9.38 -13.47
CA ASN A 185 -4.86 10.01 -14.78
C ASN A 185 -4.29 9.12 -15.88
N TYR A 186 -3.11 8.53 -15.64
CA TYR A 186 -2.57 7.57 -16.59
C TYR A 186 -3.58 6.46 -16.88
N LEU A 187 -4.16 5.87 -15.83
CA LEU A 187 -5.08 4.76 -16.01
C LEU A 187 -6.37 5.21 -16.71
N GLN A 188 -6.83 6.42 -16.40
CA GLN A 188 -8.06 6.91 -17.02
C GLN A 188 -7.90 7.06 -18.54
N TYR A 189 -6.73 7.47 -19.00
CA TYR A 189 -6.52 7.77 -20.41
C TYR A 189 -5.72 6.72 -21.17
N ASN A 190 -5.25 5.67 -20.51
CA ASN A 190 -4.53 4.59 -21.18
C ASN A 190 -5.06 3.21 -20.88
N GLN A 191 -5.87 3.04 -19.84
CA GLN A 191 -6.34 1.70 -19.49
C GLN A 191 -7.85 1.70 -19.30
N GLY A 192 -8.53 2.73 -19.80
CA GLY A 192 -9.97 2.81 -19.68
C GLY A 192 -10.47 2.79 -18.26
N TYR A 193 -9.75 3.39 -17.33
CA TYR A 193 -10.18 3.41 -15.94
C TYR A 193 -11.29 4.46 -15.80
N PRO A 194 -12.54 4.07 -15.32
CA PRO A 194 -13.67 5.03 -15.29
C PRO A 194 -13.61 5.94 -14.07
N ALA A 195 -12.58 6.78 -14.03
CA ALA A 195 -12.30 7.57 -12.84
C ALA A 195 -13.49 8.41 -12.43
N GLY A 196 -14.30 8.88 -13.39
CA GLY A 196 -15.44 9.70 -13.07
C GLY A 196 -16.55 8.98 -12.35
N ASP A 197 -16.52 7.64 -12.36
CA ASP A 197 -17.53 6.82 -11.68
C ASP A 197 -17.02 6.19 -10.39
N GLN A 198 -15.76 6.43 -10.02
CA GLN A 198 -15.13 5.78 -8.88
C GLN A 198 -14.94 6.76 -7.73
N HIS A 199 -15.04 6.24 -6.50
CA HIS A 199 -14.79 7.01 -5.29
C HIS A 199 -13.59 6.43 -4.54
N LEU A 200 -12.81 7.31 -3.91
CA LEU A 200 -11.68 6.84 -3.12
C LEU A 200 -12.17 6.10 -1.87
N ILE A 201 -11.62 4.91 -1.63
CA ILE A 201 -12.02 4.09 -0.50
C ILE A 201 -10.93 4.05 0.57
N VAL A 202 -9.69 3.69 0.19
CA VAL A 202 -8.56 3.74 1.11
C VAL A 202 -7.34 4.30 0.38
N PHE A 203 -6.40 4.81 1.16
CA PHE A 203 -5.13 5.32 0.65
C PHE A 203 -4.09 4.91 1.69
N GLN A 204 -3.26 3.93 1.36
CA GLN A 204 -2.43 3.29 2.37
C GLN A 204 -1.02 3.10 1.85
N MET A 205 -0.07 3.06 2.77
CA MET A 205 1.31 2.68 2.46
C MET A 205 1.73 1.63 3.49
N GLY A 206 2.38 0.59 3.00
CA GLY A 206 2.78 -0.48 3.90
C GLY A 206 3.66 -1.49 3.21
N THR A 207 3.63 -2.71 3.70
CA THR A 207 4.46 -3.77 3.18
C THR A 207 3.66 -5.06 3.16
N GLU A 208 3.64 -5.72 2.00
CA GLU A 208 3.06 -7.06 1.91
C GLU A 208 4.13 -8.07 2.28
N ALA A 209 3.93 -8.80 3.37
CA ALA A 209 4.91 -9.77 3.85
C ALA A 209 4.52 -11.17 3.38
N PHE A 210 5.46 -11.86 2.72
CA PHE A 210 5.23 -13.24 2.31
C PHE A 210 5.95 -14.20 3.25
N THR A 211 7.29 -14.22 3.20
CA THR A 211 8.10 -15.10 4.05
C THR A 211 9.38 -14.41 4.47
N GLY A 212 9.90 -14.84 5.62
CA GLY A 212 11.22 -14.44 6.06
C GLY A 212 11.19 -13.81 7.43
N GLY A 213 12.31 -13.19 7.78
CA GLY A 213 12.40 -12.48 9.03
C GLY A 213 13.10 -13.28 10.11
N PRO A 214 13.19 -12.73 11.33
CA PRO A 214 12.64 -11.44 11.74
C PRO A 214 13.22 -10.28 10.95
N ALA A 215 12.33 -9.45 10.41
CA ALA A 215 12.68 -8.31 9.59
C ALA A 215 11.91 -7.10 10.10
N THR A 216 12.47 -5.92 9.89
CA THR A 216 11.81 -4.70 10.33
C THR A 216 11.81 -3.71 9.19
N MET A 217 10.63 -3.18 8.87
CA MET A 217 10.51 -2.03 7.98
C MET A 217 10.25 -0.80 8.83
N THR A 218 11.09 0.21 8.65
CA THR A 218 11.00 1.47 9.35
C THR A 218 10.46 2.51 8.39
N VAL A 219 9.38 3.19 8.77
CA VAL A 219 8.85 4.30 8.01
C VAL A 219 9.25 5.57 8.76
N SER A 220 10.33 6.21 8.27
CA SER A 220 10.84 7.44 8.89
C SER A 220 9.82 8.56 8.81
N HIS A 221 9.08 8.60 7.71
CA HIS A 221 8.04 9.60 7.49
C HIS A 221 7.00 9.02 6.56
N PHE A 222 5.73 9.25 6.88
CA PHE A 222 4.64 9.03 5.93
C PHE A 222 3.66 10.19 6.04
N SER A 223 3.34 10.81 4.91
CA SER A 223 2.27 11.80 4.88
C SER A 223 1.51 11.68 3.58
N ALA A 224 0.27 12.14 3.61
CA ALA A 224 -0.50 12.30 2.39
C ALA A 224 -1.32 13.57 2.53
N ASN A 225 -1.57 14.20 1.39
CA ASN A 225 -2.35 15.43 1.36
C ASN A 225 -3.32 15.30 0.21
N ILE A 226 -4.61 15.19 0.52
CA ILE A 226 -5.64 15.05 -0.49
C ILE A 226 -6.43 16.35 -0.54
N TYR A 227 -6.50 16.97 -1.70
CA TYR A 227 -7.36 18.15 -1.85
C TYR A 227 -7.89 18.35 -3.27
#